data_4DOZ
#
_entry.id   4DOZ
#
_cell.length_a   73.411
_cell.length_b   87.463
_cell.length_c   137.102
_cell.angle_alpha   90.00
_cell.angle_beta   90.00
_cell.angle_gamma   90.00
#
_symmetry.space_group_name_H-M   'P 21 21 21'
#
loop_
_entity.id
_entity.type
_entity.pdbx_description
1 polymer 'Putative uncharacterized protein'
2 non-polymer 'ZINC ION'
#
_entity_poly.entity_id   1
_entity_poly.type   'polypeptide(L)'
_entity_poly.pdbx_seq_one_letter_code
;MADTRFPDHAIWTHLDLTSALSVKDPTLLRIKIVPVQPFIANSRKQLDLWASSHLLSMLMYKALEVIVDKFGPEHVIYPS
LRDQPFFLKFYLGENIGDEILVANLPNKALAIVSGKEAEKIEEEIKKRIRDFLLQLYREAVDWAVENGVVKVDRSEKDSM
LKEAYLKIVREYFTVSITWVSLSEKEDIYQVTENAGLSDEDVKKWLKFAEKKENSRVLERIAIYPLLVKILDSLGERKVT
EERFEKSEQLKGWKCHVCGENLAIFGDMYDHDNLKSLWLDEEPLCPMCLIKRYYPVWIRSKTGQKIRFESVVDVALLYKN
WRKIFDEKYGKDLVSKAREVSEDFVKDNMLVDSDLYYSSTWESGLSKKLKNKKEIDEEKVKEVVDFLNAAYKEIGNPPKY
YAILVMDGDDMGKVISGEVLGEISTRIHPNIRDYVEIPEAKYYSTPQVHVAISQALANFSIREVRSVVKDEGLLIYAGGD
DVLAILPVDKALEVAYKIRKEFGKSFENGSLLPGWKLSAGILIVHYKHPLYDALEKARDLLNNKAKNVPGKDTLAIGLLK
RSGSYYISLVGWELIRVFYNSELRKKLLEEKGGVGKRFIYHVLREVDTWPKVGIDEMLKFEVIRHIRGRNKEETKELREK
IYGEIKDLLEHVRGNNEVEKVRGLFTFLKIITDAEVFPLEHHHHHH
;
_entity_poly.pdbx_strand_id   A
#
loop_
_chem_comp.id
_chem_comp.type
_chem_comp.name
_chem_comp.formula
ZN non-polymer 'ZINC ION' 'Zn 2'
#
# COMPACT_ATOMS: atom_id res chain seq x y z
N TRP A 12 13.95 6.21 -30.03
CA TRP A 12 13.74 4.97 -30.82
C TRP A 12 12.25 4.64 -30.96
N THR A 13 11.43 5.29 -30.13
CA THR A 13 9.99 4.99 -30.05
C THR A 13 9.14 5.75 -31.08
N HIS A 14 9.80 6.50 -31.97
CA HIS A 14 9.13 7.14 -33.09
C HIS A 14 8.85 6.12 -34.19
N LEU A 15 9.89 5.34 -34.53
CA LEU A 15 9.81 4.27 -35.53
C LEU A 15 8.94 3.12 -35.05
N ASP A 16 8.70 3.07 -33.73
CA ASP A 16 7.74 2.15 -33.10
C ASP A 16 6.31 2.54 -33.45
N LEU A 17 6.01 3.84 -33.37
CA LEU A 17 4.67 4.35 -33.60
C LEU A 17 4.32 4.44 -35.08
N THR A 18 5.31 4.78 -35.91
CA THR A 18 5.12 4.84 -37.37
C THR A 18 4.56 3.53 -37.91
N SER A 19 5.03 2.41 -37.36
CA SER A 19 4.52 1.08 -37.71
C SER A 19 3.04 0.94 -37.36
N ALA A 20 2.73 0.93 -36.07
CA ALA A 20 1.36 0.79 -35.60
C ALA A 20 0.41 1.84 -36.20
N LEU A 21 0.95 3.01 -36.52
CA LEU A 21 0.17 4.09 -37.15
C LEU A 21 0.01 3.93 -38.66
N SER A 22 1.03 3.40 -39.33
CA SER A 22 0.97 3.22 -40.78
C SER A 22 0.54 1.79 -41.16
N VAL A 23 1.27 0.80 -40.64
CA VAL A 23 1.07 -0.62 -41.00
C VAL A 23 -0.39 -1.09 -40.87
N LYS A 24 -1.06 -0.68 -39.80
CA LYS A 24 -2.47 -1.03 -39.60
C LYS A 24 -3.36 0.19 -39.81
N ASP A 25 -4.61 -0.03 -40.21
CA ASP A 25 -5.63 1.02 -40.19
C ASP A 25 -5.97 1.36 -38.72
N PRO A 26 -5.40 2.46 -38.19
CA PRO A 26 -5.20 2.67 -36.76
C PRO A 26 -6.38 3.29 -35.97
N THR A 27 -6.77 2.63 -34.88
CA THR A 27 -7.83 3.11 -33.99
C THR A 27 -7.42 2.99 -32.50
N LEU A 28 -7.40 4.13 -31.81
CA LEU A 28 -6.93 4.21 -30.41
C LEU A 28 -7.85 3.56 -29.37
N LEU A 29 -7.45 2.39 -28.89
CA LEU A 29 -8.20 1.63 -27.90
C LEU A 29 -7.76 2.00 -26.49
N ARG A 30 -8.69 1.87 -25.54
CA ARG A 30 -8.48 2.26 -24.16
C ARG A 30 -9.14 1.28 -23.21
N ILE A 31 -8.39 0.81 -22.22
CA ILE A 31 -8.90 -0.12 -21.21
C ILE A 31 -8.92 0.53 -19.84
N LYS A 32 -9.82 0.05 -18.97
CA LYS A 32 -9.97 0.53 -17.61
C LYS A 32 -10.77 -0.50 -16.82
N ILE A 33 -10.19 -1.03 -15.75
CA ILE A 33 -10.93 -1.93 -14.87
C ILE A 33 -11.44 -1.06 -13.72
N VAL A 34 -12.72 -1.22 -13.37
CA VAL A 34 -13.43 -0.22 -12.57
C VAL A 34 -13.34 -0.41 -11.04
N PRO A 35 -13.51 -1.65 -10.54
CA PRO A 35 -13.38 -1.77 -9.09
C PRO A 35 -11.91 -1.86 -8.71
N VAL A 36 -11.39 -0.78 -8.12
CA VAL A 36 -9.98 -0.74 -7.69
C VAL A 36 -9.89 -0.46 -6.19
N GLN A 37 -10.16 0.80 -5.81
CA GLN A 37 -10.01 1.27 -4.44
C GLN A 37 -10.94 0.55 -3.46
N PRO A 38 -12.19 0.26 -3.89
CA PRO A 38 -13.01 -0.68 -3.13
C PRO A 38 -12.32 -2.04 -2.97
N PHE A 39 -12.20 -2.82 -4.04
CA PHE A 39 -11.67 -4.19 -3.96
C PHE A 39 -10.48 -4.32 -3.02
N ILE A 40 -9.58 -3.33 -3.06
CA ILE A 40 -8.37 -3.32 -2.24
C ILE A 40 -8.68 -3.16 -0.75
N ALA A 41 -9.45 -2.11 -0.41
CA ALA A 41 -9.72 -1.76 1.00
C ALA A 41 -10.50 -2.82 1.77
N ASN A 42 -11.23 -3.66 1.03
CA ASN A 42 -11.93 -4.81 1.58
C ASN A 42 -10.94 -5.94 1.86
N SER A 43 -10.05 -5.74 2.83
CA SER A 43 -9.07 -6.78 3.17
C SER A 43 -8.77 -6.81 4.67
N ARG A 44 -8.56 -8.02 5.19
CA ARG A 44 -8.40 -8.21 6.64
C ARG A 44 -6.95 -8.30 7.11
N LYS A 45 -6.22 -9.27 6.60
CA LYS A 45 -4.80 -9.40 6.92
C LYS A 45 -3.93 -8.93 5.76
N GLN A 46 -2.70 -8.51 6.06
CA GLN A 46 -1.79 -7.94 5.04
C GLN A 46 -1.73 -8.73 3.73
N LEU A 47 -1.77 -10.06 3.82
CA LEU A 47 -1.84 -10.92 2.64
C LEU A 47 -3.04 -10.60 1.71
N ASP A 48 -4.19 -10.26 2.30
CA ASP A 48 -5.40 -9.96 1.55
C ASP A 48 -5.20 -8.72 0.69
N LEU A 49 -4.51 -7.73 1.27
CA LEU A 49 -4.18 -6.47 0.60
C LEU A 49 -3.21 -6.65 -0.57
N TRP A 50 -2.17 -7.45 -0.37
CA TRP A 50 -1.29 -7.82 -1.45
C TRP A 50 -2.04 -8.61 -2.51
N ALA A 51 -2.75 -9.65 -2.08
CA ALA A 51 -3.44 -10.53 -3.01
C ALA A 51 -4.40 -9.78 -3.91
N SER A 52 -5.16 -8.84 -3.35
CA SER A 52 -6.24 -8.20 -4.10
C SER A 52 -5.67 -7.24 -5.16
N SER A 53 -4.74 -6.40 -4.73
CA SER A 53 -4.03 -5.47 -5.59
C SER A 53 -3.25 -6.17 -6.72
N HIS A 54 -2.61 -7.30 -6.40
CA HIS A 54 -1.81 -8.09 -7.35
C HIS A 54 -2.71 -8.64 -8.45
N LEU A 55 -3.80 -9.29 -8.05
CA LEU A 55 -4.81 -9.80 -8.95
C LEU A 55 -5.30 -8.71 -9.91
N LEU A 56 -5.59 -7.54 -9.37
CA LEU A 56 -6.01 -6.43 -10.21
C LEU A 56 -5.06 -6.28 -11.37
N SER A 57 -3.76 -6.35 -11.07
CA SER A 57 -2.70 -6.31 -12.07
C SER A 57 -2.80 -7.50 -13.01
N MET A 58 -2.96 -8.71 -12.45
CA MET A 58 -3.20 -9.92 -13.25
C MET A 58 -4.23 -9.69 -14.32
N LEU A 59 -5.36 -9.10 -13.92
CA LEU A 59 -6.44 -8.82 -14.85
C LEU A 59 -5.94 -7.91 -15.96
N MET A 60 -5.45 -6.73 -15.59
CA MET A 60 -4.91 -5.81 -16.57
C MET A 60 -3.86 -6.48 -17.47
N TYR A 61 -3.28 -7.58 -16.97
CA TYR A 61 -2.31 -8.33 -17.74
C TYR A 61 -3.06 -9.16 -18.77
N LYS A 62 -4.11 -9.83 -18.34
CA LYS A 62 -4.88 -10.65 -19.25
C LYS A 62 -5.62 -9.78 -20.27
N ALA A 63 -6.00 -8.58 -19.86
CA ALA A 63 -6.49 -7.60 -20.81
C ALA A 63 -5.40 -7.25 -21.81
N LEU A 64 -4.19 -7.00 -21.29
CA LEU A 64 -3.08 -6.60 -22.14
C LEU A 64 -2.55 -7.76 -22.99
N GLU A 65 -2.50 -8.96 -22.42
CA GLU A 65 -2.09 -10.19 -23.12
C GLU A 65 -2.74 -10.30 -24.49
N VAL A 66 -4.06 -10.09 -24.53
CA VAL A 66 -4.85 -10.08 -25.76
C VAL A 66 -4.30 -9.11 -26.81
N ILE A 67 -4.02 -7.87 -26.40
CA ILE A 67 -3.46 -6.89 -27.32
C ILE A 67 -2.11 -7.39 -27.84
N VAL A 68 -1.25 -7.82 -26.91
CA VAL A 68 0.08 -8.31 -27.23
C VAL A 68 0.04 -9.51 -28.16
N ASP A 69 -0.81 -10.48 -27.85
CA ASP A 69 -0.95 -11.71 -28.65
C ASP A 69 -1.25 -11.38 -30.09
N LYS A 70 -2.33 -10.61 -30.29
CA LYS A 70 -2.84 -10.34 -31.63
C LYS A 70 -1.91 -9.48 -32.47
N PHE A 71 -1.18 -8.59 -31.79
CA PHE A 71 -0.28 -7.64 -32.44
C PHE A 71 1.15 -7.80 -31.88
N GLY A 72 1.58 -6.80 -31.12
CA GLY A 72 2.89 -6.79 -30.50
C GLY A 72 2.91 -5.88 -29.29
N PRO A 73 4.04 -5.84 -28.55
CA PRO A 73 4.15 -5.05 -27.33
C PRO A 73 4.19 -3.56 -27.59
N GLU A 74 4.96 -3.16 -28.61
CA GLU A 74 5.11 -1.76 -28.97
C GLU A 74 3.78 -1.11 -29.42
N HIS A 75 2.72 -1.92 -29.48
CA HIS A 75 1.40 -1.40 -29.80
C HIS A 75 0.69 -0.83 -28.56
N VAL A 76 1.24 -1.09 -27.38
CA VAL A 76 0.68 -0.56 -26.12
C VAL A 76 1.44 0.69 -25.70
N ILE A 77 0.74 1.82 -25.66
CA ILE A 77 1.34 3.10 -25.30
C ILE A 77 1.54 3.18 -23.78
N TYR A 78 0.44 3.04 -23.04
CA TYR A 78 0.47 3.02 -21.60
C TYR A 78 -0.24 1.75 -21.09
N PRO A 79 0.38 1.00 -20.16
CA PRO A 79 1.71 1.17 -19.60
C PRO A 79 2.77 0.68 -20.57
N SER A 80 4.02 1.10 -20.35
CA SER A 80 5.13 0.60 -21.14
C SER A 80 5.49 -0.80 -20.65
N LEU A 81 5.42 -1.76 -21.57
CA LEU A 81 5.62 -3.18 -21.25
C LEU A 81 7.08 -3.65 -21.18
N ARG A 82 8.03 -2.83 -21.63
CA ARG A 82 9.45 -3.19 -21.43
C ARG A 82 9.64 -3.29 -19.94
N ASP A 83 10.36 -4.34 -19.52
CA ASP A 83 10.69 -4.56 -18.11
C ASP A 83 9.50 -4.88 -17.20
N GLN A 84 8.29 -5.00 -17.76
CA GLN A 84 7.10 -5.39 -16.99
C GLN A 84 7.22 -6.83 -16.50
N PRO A 85 7.40 -7.01 -15.17
CA PRO A 85 7.76 -8.33 -14.66
C PRO A 85 6.79 -9.46 -15.02
N PHE A 86 5.47 -9.20 -14.99
CA PHE A 86 4.51 -10.21 -15.42
C PHE A 86 4.89 -10.73 -16.81
N PHE A 87 5.01 -9.82 -17.78
CA PHE A 87 5.34 -10.22 -19.15
C PHE A 87 6.64 -11.01 -19.27
N LEU A 88 7.73 -10.47 -18.75
CA LEU A 88 9.01 -11.17 -18.74
C LEU A 88 8.81 -12.61 -18.26
N LYS A 89 8.26 -12.76 -17.05
CA LYS A 89 7.98 -14.05 -16.41
C LYS A 89 6.96 -14.86 -17.16
N PHE A 90 5.81 -14.24 -17.43
CA PHE A 90 4.65 -14.98 -17.92
C PHE A 90 4.62 -15.10 -19.43
N TYR A 91 4.73 -13.97 -20.12
CA TYR A 91 4.70 -13.97 -21.58
C TYR A 91 5.96 -14.54 -22.21
N LEU A 92 7.13 -14.28 -21.63
CA LEU A 92 8.38 -14.75 -22.24
C LEU A 92 8.95 -15.95 -21.51
N GLY A 93 8.33 -16.33 -20.40
CA GLY A 93 8.89 -17.37 -19.56
C GLY A 93 10.32 -17.09 -19.15
N GLU A 94 10.63 -15.83 -18.84
CA GLU A 94 11.90 -15.48 -18.24
C GLU A 94 11.93 -15.99 -16.80
N ASN A 95 13.13 -16.24 -16.27
CA ASN A 95 13.29 -16.84 -14.95
C ASN A 95 13.27 -15.78 -13.87
N ILE A 96 12.14 -15.12 -13.68
CA ILE A 96 12.11 -13.87 -12.91
C ILE A 96 12.11 -14.03 -11.39
N GLY A 97 12.97 -13.25 -10.73
CA GLY A 97 13.06 -13.23 -9.27
C GLY A 97 11.92 -12.55 -8.53
N ASP A 98 12.15 -12.25 -7.25
CA ASP A 98 11.10 -11.72 -6.37
C ASP A 98 10.47 -10.46 -6.92
N GLU A 99 10.96 -9.95 -8.04
CA GLU A 99 10.32 -8.82 -8.73
C GLU A 99 8.83 -9.08 -8.89
N ILE A 100 8.47 -10.32 -9.21
CA ILE A 100 7.13 -10.67 -9.67
C ILE A 100 6.06 -10.51 -8.57
N LEU A 101 6.50 -10.34 -7.33
CA LEU A 101 5.55 -10.24 -6.23
C LEU A 101 4.93 -8.85 -6.17
N VAL A 102 5.62 -7.86 -6.71
CA VAL A 102 5.10 -6.50 -6.78
C VAL A 102 4.17 -6.32 -7.97
N ALA A 103 2.98 -5.77 -7.68
CA ALA A 103 2.02 -5.43 -8.71
C ALA A 103 2.42 -4.11 -9.29
N ASN A 104 2.83 -4.07 -10.55
CA ASN A 104 3.18 -2.79 -11.20
C ASN A 104 2.53 -2.47 -12.55
N LEU A 105 1.37 -3.07 -12.80
CA LEU A 105 0.48 -2.67 -13.88
C LEU A 105 -0.74 -1.94 -13.31
N PRO A 106 -1.09 -0.76 -13.85
CA PRO A 106 -2.28 -0.05 -13.35
C PRO A 106 -3.52 -0.49 -14.12
N ASN A 107 -4.68 0.12 -13.86
CA ASN A 107 -5.88 -0.22 -14.65
C ASN A 107 -5.97 0.40 -16.06
N LYS A 108 -6.01 1.72 -16.17
CA LYS A 108 -6.15 2.40 -17.48
C LYS A 108 -5.02 2.02 -18.46
N ALA A 109 -5.37 1.76 -19.71
CA ALA A 109 -4.38 1.48 -20.75
C ALA A 109 -4.72 2.12 -22.09
N LEU A 110 -3.73 2.15 -22.97
CA LEU A 110 -3.87 2.78 -24.28
C LEU A 110 -3.07 1.99 -25.30
N ALA A 111 -3.77 1.42 -26.27
CA ALA A 111 -3.11 0.69 -27.34
C ALA A 111 -3.43 1.28 -28.73
N ILE A 112 -2.56 1.01 -29.70
CA ILE A 112 -2.85 1.26 -31.11
C ILE A 112 -3.33 -0.04 -31.76
N VAL A 113 -4.59 -0.03 -32.17
CA VAL A 113 -5.28 -1.22 -32.61
C VAL A 113 -5.72 -1.08 -34.07
N SER A 114 -5.90 -2.21 -34.74
CA SER A 114 -6.39 -2.25 -36.12
C SER A 114 -7.91 -2.14 -36.15
N GLY A 115 -8.40 -1.15 -36.90
CA GLY A 115 -9.82 -0.78 -36.97
C GLY A 115 -10.85 -1.89 -36.90
N LYS A 116 -10.55 -3.01 -37.53
CA LYS A 116 -11.50 -4.14 -37.55
C LYS A 116 -11.49 -4.99 -36.28
N GLU A 117 -10.32 -5.10 -35.65
CA GLU A 117 -10.17 -5.86 -34.41
C GLU A 117 -10.81 -5.15 -33.23
N ALA A 118 -10.83 -3.81 -33.29
CA ALA A 118 -11.36 -2.97 -32.20
C ALA A 118 -12.63 -3.53 -31.57
N GLU A 119 -13.55 -4.05 -32.39
CA GLU A 119 -14.79 -4.60 -31.90
C GLU A 119 -14.59 -5.91 -31.14
N LYS A 120 -13.84 -6.84 -31.72
CA LYS A 120 -13.68 -8.17 -31.13
C LYS A 120 -12.76 -8.14 -29.92
N ILE A 121 -11.74 -7.28 -29.97
CA ILE A 121 -10.80 -7.09 -28.88
C ILE A 121 -11.52 -6.65 -27.58
N GLU A 122 -12.63 -5.94 -27.75
CA GLU A 122 -13.47 -5.55 -26.62
C GLU A 122 -14.10 -6.78 -25.94
N GLU A 123 -14.78 -7.59 -26.75
CA GLU A 123 -15.43 -8.78 -26.24
C GLU A 123 -14.40 -9.83 -25.83
N GLU A 124 -13.28 -9.86 -26.54
CA GLU A 124 -12.17 -10.78 -26.26
C GLU A 124 -11.53 -10.52 -24.89
N ILE A 125 -11.39 -9.25 -24.52
CA ILE A 125 -10.87 -8.89 -23.19
C ILE A 125 -11.88 -9.26 -22.10
N LYS A 126 -13.15 -8.89 -22.31
CA LYS A 126 -14.25 -9.23 -21.41
C LYS A 126 -14.30 -10.71 -21.04
N LYS A 127 -14.23 -11.58 -22.06
CA LYS A 127 -14.26 -13.03 -21.89
C LYS A 127 -13.07 -13.53 -21.06
N ARG A 128 -11.87 -13.12 -21.45
CA ARG A 128 -10.63 -13.56 -20.82
C ARG A 128 -10.58 -13.27 -19.32
N ILE A 129 -11.04 -12.10 -18.91
CA ILE A 129 -11.13 -11.73 -17.50
C ILE A 129 -12.08 -12.69 -16.77
N ARG A 130 -13.33 -12.74 -17.25
CA ARG A 130 -14.34 -13.66 -16.73
C ARG A 130 -13.77 -15.06 -16.63
N ASP A 131 -13.35 -15.60 -17.78
CA ASP A 131 -12.81 -16.95 -17.89
C ASP A 131 -11.79 -17.24 -16.78
N PHE A 132 -10.84 -16.33 -16.62
CA PHE A 132 -9.76 -16.49 -15.65
C PHE A 132 -10.26 -16.41 -14.21
N LEU A 133 -11.11 -15.44 -13.93
CA LEU A 133 -11.69 -15.31 -12.61
C LEU A 133 -12.44 -16.58 -12.26
N LEU A 134 -13.36 -17.00 -13.14
CA LEU A 134 -14.07 -18.26 -12.98
C LEU A 134 -13.06 -19.38 -12.75
N GLN A 135 -12.15 -19.54 -13.70
CA GLN A 135 -11.07 -20.53 -13.65
C GLN A 135 -10.49 -20.60 -12.25
N LEU A 136 -10.32 -19.44 -11.63
CA LEU A 136 -9.73 -19.32 -10.29
C LEU A 136 -10.72 -19.69 -9.18
N TYR A 137 -11.93 -19.13 -9.26
CA TYR A 137 -13.00 -19.45 -8.31
C TYR A 137 -13.13 -20.96 -8.10
N ARG A 138 -13.22 -21.71 -9.20
CA ARG A 138 -13.14 -23.16 -9.18
C ARG A 138 -11.94 -23.62 -8.37
N GLU A 139 -10.74 -23.42 -8.93
CA GLU A 139 -9.51 -23.85 -8.28
C GLU A 139 -9.54 -23.58 -6.79
N ALA A 140 -10.14 -22.44 -6.44
CA ALA A 140 -10.28 -22.02 -5.05
C ALA A 140 -11.31 -22.87 -4.32
N VAL A 141 -12.50 -22.99 -4.91
CA VAL A 141 -13.56 -23.87 -4.39
C VAL A 141 -12.99 -25.22 -3.93
N ASP A 142 -12.10 -25.79 -4.74
CA ASP A 142 -11.42 -27.05 -4.41
C ASP A 142 -10.55 -26.94 -3.18
N TRP A 143 -9.89 -25.79 -3.04
CA TRP A 143 -8.91 -25.57 -1.98
C TRP A 143 -9.56 -25.46 -0.60
N ALA A 144 -10.66 -24.71 -0.51
CA ALA A 144 -11.41 -24.55 0.74
C ALA A 144 -12.11 -25.84 1.16
N VAL A 145 -12.33 -26.74 0.19
CA VAL A 145 -12.81 -28.09 0.45
C VAL A 145 -11.66 -28.89 1.07
N GLU A 146 -10.48 -28.77 0.46
CA GLU A 146 -9.28 -29.43 0.95
C GLU A 146 -8.95 -29.03 2.39
N ASN A 147 -9.19 -27.74 2.70
CA ASN A 147 -8.97 -27.20 4.04
C ASN A 147 -10.19 -26.43 4.55
N GLU A 156 -24.03 -29.28 -1.25
CA GLU A 156 -23.58 -27.92 -0.96
C GLU A 156 -22.36 -27.55 -1.79
N LYS A 157 -21.29 -28.31 -1.60
CA LYS A 157 -20.04 -28.10 -2.33
C LYS A 157 -20.21 -28.41 -3.82
N ASP A 158 -21.35 -29.02 -4.16
CA ASP A 158 -21.77 -29.21 -5.54
C ASP A 158 -22.42 -27.93 -6.03
N SER A 159 -23.42 -27.46 -5.28
CA SER A 159 -24.17 -26.26 -5.62
C SER A 159 -23.43 -24.98 -5.23
N MET A 160 -22.13 -25.12 -4.95
CA MET A 160 -21.24 -23.98 -4.75
C MET A 160 -20.95 -23.22 -6.04
N LEU A 161 -21.14 -23.91 -7.17
CA LEU A 161 -21.00 -23.29 -8.49
C LEU A 161 -22.37 -23.06 -9.16
N LYS A 162 -23.33 -22.51 -8.41
CA LYS A 162 -24.61 -22.06 -8.97
C LYS A 162 -24.37 -20.90 -9.94
N GLU A 163 -25.07 -20.90 -11.07
CA GLU A 163 -24.89 -19.84 -12.07
C GLU A 163 -25.49 -18.50 -11.60
N ALA A 164 -25.76 -18.43 -10.30
CA ALA A 164 -26.09 -17.17 -9.63
C ALA A 164 -24.90 -16.69 -8.80
N TYR A 165 -23.95 -17.59 -8.53
CA TYR A 165 -22.64 -17.24 -7.94
C TYR A 165 -21.61 -16.96 -9.02
N LEU A 166 -21.64 -17.76 -10.08
CA LEU A 166 -20.88 -17.48 -11.30
C LEU A 166 -21.04 -16.00 -11.66
N LYS A 167 -22.28 -15.52 -11.62
CA LYS A 167 -22.59 -14.12 -11.90
C LYS A 167 -21.64 -13.16 -11.19
N ILE A 168 -21.70 -13.14 -9.85
CA ILE A 168 -20.85 -12.26 -9.03
C ILE A 168 -19.40 -12.15 -9.55
N VAL A 169 -18.82 -13.31 -9.86
CA VAL A 169 -17.48 -13.42 -10.42
C VAL A 169 -17.35 -12.71 -11.78
N ARG A 170 -18.24 -13.02 -12.73
CA ARG A 170 -18.22 -12.36 -14.05
C ARG A 170 -18.64 -10.90 -13.96
N GLU A 171 -19.66 -10.63 -13.16
CA GLU A 171 -20.28 -9.29 -13.10
C GLU A 171 -19.43 -8.25 -12.36
N TYR A 172 -18.54 -8.71 -11.47
CA TYR A 172 -17.79 -7.83 -10.58
C TYR A 172 -16.93 -6.77 -11.27
N PHE A 173 -15.75 -7.17 -11.75
CA PHE A 173 -14.85 -6.22 -12.40
C PHE A 173 -15.41 -5.82 -13.78
N THR A 174 -15.62 -4.51 -13.98
CA THR A 174 -16.10 -4.04 -15.28
C THR A 174 -14.96 -3.45 -16.10
N VAL A 175 -14.85 -3.90 -17.34
CA VAL A 175 -13.72 -3.55 -18.21
C VAL A 175 -14.18 -2.68 -19.38
N SER A 176 -14.28 -1.37 -19.14
CA SER A 176 -14.74 -0.44 -20.15
C SER A 176 -13.72 -0.27 -21.27
N ILE A 177 -14.14 -0.54 -22.49
CA ILE A 177 -13.25 -0.42 -23.65
C ILE A 177 -13.86 0.50 -24.72
N THR A 178 -13.07 1.47 -25.17
CA THR A 178 -13.53 2.46 -26.17
C THR A 178 -12.41 2.81 -27.15
N TRP A 179 -12.78 3.33 -28.31
CA TRP A 179 -11.81 3.64 -29.37
C TRP A 179 -12.14 4.88 -30.18
N VAL A 180 -11.12 5.44 -30.82
CA VAL A 180 -11.26 6.57 -31.76
C VAL A 180 -10.28 6.38 -32.92
N SER A 181 -10.71 6.75 -34.13
CA SER A 181 -9.83 6.64 -35.30
C SER A 181 -8.80 7.76 -35.35
N LEU A 182 -7.61 7.45 -35.86
CA LEU A 182 -6.46 8.37 -35.92
C LEU A 182 -5.82 8.55 -34.54
N TYR A 224 -3.49 14.26 -33.11
CA TYR A 224 -4.09 15.17 -32.12
C TYR A 224 -4.10 14.61 -30.70
N PRO A 225 -3.70 15.45 -29.72
CA PRO A 225 -3.93 15.18 -28.30
C PRO A 225 -5.40 15.40 -27.91
N LEU A 226 -6.19 15.91 -28.86
CA LEU A 226 -7.61 16.15 -28.65
C LEU A 226 -8.38 14.84 -28.70
N LEU A 227 -8.02 14.00 -29.67
CA LEU A 227 -8.60 12.66 -29.82
C LEU A 227 -8.42 11.86 -28.55
N VAL A 228 -7.30 12.09 -27.88
CA VAL A 228 -7.01 11.42 -26.61
C VAL A 228 -7.96 11.94 -25.53
N LYS A 229 -8.18 13.27 -25.53
CA LYS A 229 -9.08 13.92 -24.59
C LYS A 229 -10.52 13.44 -24.83
N ILE A 230 -10.85 13.20 -26.10
CA ILE A 230 -12.20 12.75 -26.46
C ILE A 230 -12.39 11.27 -26.17
N LEU A 231 -11.28 10.53 -26.10
CA LEU A 231 -11.29 9.10 -25.81
C LEU A 231 -11.50 8.83 -24.31
N ASP A 232 -10.91 9.69 -23.49
CA ASP A 232 -10.98 9.59 -22.03
C ASP A 232 -12.39 9.83 -21.48
N SER A 233 -12.92 11.01 -21.74
CA SER A 233 -14.22 11.43 -21.22
C SER A 233 -15.38 10.67 -21.87
N LEU A 234 -15.16 10.17 -23.07
CA LEU A 234 -16.11 9.24 -23.70
C LEU A 234 -16.01 7.90 -22.96
N GLY A 235 -14.77 7.49 -22.67
CA GLY A 235 -14.49 6.26 -21.96
C GLY A 235 -14.98 6.28 -20.51
N GLU A 236 -14.65 7.37 -19.81
CA GLU A 236 -15.04 7.55 -18.41
C GLU A 236 -16.56 7.72 -18.21
N ARG A 237 -17.33 7.47 -19.27
CA ARG A 237 -18.79 7.50 -19.21
C ARG A 237 -19.42 6.10 -19.17
N LYS A 238 -18.88 5.16 -19.93
CA LYS A 238 -19.33 3.76 -19.93
C LYS A 238 -19.17 3.09 -18.56
N VAL A 239 -18.26 3.67 -17.76
CA VAL A 239 -17.89 3.18 -16.42
C VAL A 239 -19.09 2.88 -15.50
N THR A 240 -19.71 3.94 -14.96
CA THR A 240 -20.82 3.78 -14.02
C THR A 240 -22.09 3.36 -14.74
N GLU A 241 -22.12 3.62 -16.06
CA GLU A 241 -23.19 3.16 -16.94
C GLU A 241 -23.05 1.67 -17.27
N GLU A 242 -21.92 1.08 -16.88
CA GLU A 242 -21.72 -0.37 -16.93
C GLU A 242 -21.55 -0.94 -15.52
N TRP A 253 -23.64 -10.86 3.36
CA TRP A 253 -22.40 -10.14 3.59
C TRP A 253 -21.23 -11.08 3.95
N LYS A 254 -20.01 -10.55 3.94
CA LYS A 254 -18.81 -11.35 4.22
C LYS A 254 -17.72 -10.51 4.89
N CYS A 255 -16.47 -10.71 4.45
CA CYS A 255 -15.28 -9.90 4.81
C CYS A 255 -15.42 -9.05 6.07
N CYS A 258 -19.17 -7.09 2.84
CA CYS A 258 -18.71 -6.21 1.78
C CYS A 258 -19.73 -6.10 0.64
N GLY A 259 -20.97 -5.80 1.00
CA GLY A 259 -22.04 -5.52 0.01
C GLY A 259 -22.33 -6.56 -1.05
N GLU A 260 -21.63 -7.70 -1.00
CA GLU A 260 -21.80 -8.79 -1.95
C GLU A 260 -22.28 -10.06 -1.23
N ASN A 261 -23.23 -10.76 -1.83
CA ASN A 261 -23.80 -11.97 -1.23
C ASN A 261 -22.75 -13.04 -0.91
N LEU A 262 -22.82 -13.61 0.29
CA LEU A 262 -21.90 -14.67 0.71
C LEU A 262 -22.15 -15.95 -0.08
N ALA A 263 -21.11 -16.77 -0.19
CA ALA A 263 -21.14 -17.94 -1.08
C ALA A 263 -22.12 -19.03 -0.64
N ILE A 264 -22.96 -18.71 0.34
CA ILE A 264 -23.94 -19.65 0.90
C ILE A 264 -25.24 -18.96 1.40
N PHE A 265 -25.12 -17.71 1.86
CA PHE A 265 -26.25 -16.92 2.40
C PHE A 265 -27.33 -16.56 1.36
N GLY A 266 -26.91 -16.34 0.12
CA GLY A 266 -27.77 -15.87 -0.96
C GLY A 266 -28.88 -16.82 -1.39
N ASP A 267 -28.75 -18.11 -1.07
CA ASP A 267 -29.79 -19.09 -1.36
C ASP A 267 -30.77 -19.23 -0.21
N MET A 268 -30.39 -20.00 0.81
CA MET A 268 -31.24 -20.19 2.00
C MET A 268 -30.46 -20.77 3.19
N TYR A 269 -29.87 -19.89 4.00
CA TYR A 269 -29.14 -20.29 5.20
C TYR A 269 -29.21 -19.26 6.33
N ASP A 270 -29.22 -19.75 7.56
CA ASP A 270 -29.18 -18.91 8.76
C ASP A 270 -27.74 -18.47 9.04
N HIS A 271 -27.57 -17.26 9.59
CA HIS A 271 -26.25 -16.67 9.85
C HIS A 271 -25.42 -17.43 10.91
N ASP A 272 -26.09 -18.15 11.80
CA ASP A 272 -25.43 -19.05 12.75
C ASP A 272 -24.89 -20.27 12.00
N ASN A 273 -25.71 -20.84 11.13
CA ASN A 273 -25.36 -21.99 10.31
C ASN A 273 -24.31 -21.63 9.27
N LEU A 274 -24.31 -20.37 8.86
CA LEU A 274 -23.38 -19.84 7.84
C LEU A 274 -21.96 -19.78 8.38
N LYS A 275 -21.81 -19.12 9.55
CA LYS A 275 -20.52 -18.93 10.20
C LYS A 275 -19.85 -20.25 10.58
N SER A 276 -20.67 -21.23 10.97
CA SER A 276 -20.18 -22.56 11.35
C SER A 276 -19.48 -23.27 10.19
N LEU A 277 -20.01 -23.09 8.99
CA LEU A 277 -19.50 -23.75 7.79
C LEU A 277 -18.10 -23.27 7.37
N TRP A 278 -17.78 -22.00 7.63
CA TRP A 278 -16.56 -21.40 7.08
C TRP A 278 -15.25 -21.57 7.88
N LEU A 279 -14.17 -21.76 7.13
CA LEU A 279 -12.89 -22.28 7.62
C LEU A 279 -12.24 -21.55 8.80
N ASP A 280 -12.54 -20.26 8.98
CA ASP A 280 -11.93 -19.50 10.06
C ASP A 280 -12.96 -18.68 10.85
N GLU A 281 -14.19 -19.20 10.90
CA GLU A 281 -15.33 -18.58 11.61
C GLU A 281 -15.92 -17.36 10.88
N GLU A 282 -15.24 -16.91 9.83
CA GLU A 282 -15.71 -15.81 8.97
C GLU A 282 -16.16 -16.32 7.58
N PRO A 283 -17.47 -16.15 7.27
CA PRO A 283 -18.00 -16.58 5.96
C PRO A 283 -17.58 -15.70 4.80
N LEU A 284 -17.14 -16.32 3.70
CA LEU A 284 -16.62 -15.59 2.54
C LEU A 284 -17.55 -15.60 1.33
N CYS A 285 -17.55 -14.51 0.59
CA CYS A 285 -18.21 -14.44 -0.70
C CYS A 285 -17.22 -14.98 -1.72
N PRO A 286 -17.66 -15.22 -2.96
CA PRO A 286 -16.75 -15.75 -3.99
C PRO A 286 -15.47 -14.92 -4.23
N MET A 287 -15.60 -13.59 -4.34
CA MET A 287 -14.46 -12.70 -4.58
C MET A 287 -13.36 -12.78 -3.54
N CYS A 288 -13.77 -12.78 -2.28
CA CYS A 288 -12.84 -12.89 -1.14
C CYS A 288 -12.25 -14.27 -0.96
N LEU A 289 -12.92 -15.27 -1.54
CA LEU A 289 -12.40 -16.62 -1.60
C LEU A 289 -11.22 -16.62 -2.56
N ILE A 290 -11.36 -15.91 -3.67
CA ILE A 290 -10.30 -15.76 -4.65
C ILE A 290 -9.12 -15.04 -4.02
N LYS A 291 -9.42 -14.07 -3.15
CA LYS A 291 -8.40 -13.36 -2.40
C LYS A 291 -7.53 -14.32 -1.59
N ARG A 292 -8.16 -15.25 -0.89
CA ARG A 292 -7.43 -16.16 -0.01
C ARG A 292 -6.61 -17.17 -0.78
N TYR A 293 -7.15 -17.68 -1.88
CA TYR A 293 -6.48 -18.74 -2.64
C TYR A 293 -5.25 -18.25 -3.44
N TYR A 294 -5.36 -17.04 -3.97
CA TYR A 294 -4.34 -16.39 -4.80
C TYR A 294 -2.89 -16.56 -4.31
N PRO A 295 -2.62 -16.31 -3.01
CA PRO A 295 -1.26 -16.54 -2.50
C PRO A 295 -0.68 -17.94 -2.67
N VAL A 296 -1.53 -18.97 -2.83
CA VAL A 296 -1.01 -20.32 -3.11
C VAL A 296 -0.99 -20.62 -4.60
N TRP A 297 -1.95 -20.06 -5.34
CA TRP A 297 -1.96 -20.12 -6.79
C TRP A 297 -0.63 -19.57 -7.31
N ILE A 298 -0.29 -18.38 -6.83
CA ILE A 298 0.92 -17.68 -7.25
C ILE A 298 2.17 -18.50 -6.94
N ARG A 299 2.23 -19.05 -5.71
CA ARG A 299 3.37 -19.87 -5.29
C ARG A 299 3.61 -21.07 -6.22
N SER A 300 2.57 -21.52 -6.91
CA SER A 300 2.71 -22.64 -7.82
C SER A 300 2.65 -22.27 -9.30
N LYS A 301 2.52 -20.99 -9.63
CA LYS A 301 2.62 -20.60 -11.04
C LYS A 301 3.96 -19.91 -11.23
N THR A 302 4.27 -19.00 -10.30
CA THR A 302 5.62 -18.50 -10.11
C THR A 302 6.18 -19.41 -9.04
N GLY A 303 7.41 -19.13 -8.60
CA GLY A 303 8.00 -19.93 -7.55
C GLY A 303 7.49 -19.56 -6.16
N GLN A 304 7.37 -18.25 -5.91
CA GLN A 304 7.53 -17.70 -4.55
C GLN A 304 6.29 -17.03 -3.92
N LYS A 305 6.39 -16.71 -2.63
CA LYS A 305 5.35 -15.96 -1.93
C LYS A 305 5.94 -14.82 -1.08
N ILE A 306 5.15 -13.76 -0.91
CA ILE A 306 5.46 -12.59 -0.06
C ILE A 306 6.39 -12.92 1.12
N ARG A 307 7.46 -12.14 1.25
CA ARG A 307 8.50 -12.35 2.27
C ARG A 307 8.04 -12.00 3.67
N PHE A 308 7.31 -10.89 3.80
CA PHE A 308 6.75 -10.50 5.09
C PHE A 308 5.26 -10.82 5.14
N GLU A 309 4.91 -12.02 5.61
CA GLU A 309 3.52 -12.50 5.59
C GLU A 309 2.54 -11.55 6.27
N SER A 310 2.86 -11.17 7.51
CA SER A 310 1.97 -10.37 8.34
C SER A 310 2.46 -8.94 8.43
N VAL A 311 1.55 -8.07 8.84
CA VAL A 311 1.88 -6.71 9.19
C VAL A 311 2.95 -6.68 10.28
N VAL A 312 2.84 -7.64 11.20
CA VAL A 312 3.77 -7.84 12.32
C VAL A 312 5.16 -8.20 11.83
N ASP A 313 5.23 -8.99 10.77
CA ASP A 313 6.48 -9.34 10.16
C ASP A 313 7.29 -8.09 9.80
N VAL A 314 6.64 -7.07 9.24
CA VAL A 314 7.32 -5.83 8.90
C VAL A 314 7.51 -4.92 10.12
N ALA A 315 6.58 -4.99 11.08
CA ALA A 315 6.69 -4.21 12.32
C ALA A 315 7.93 -4.59 13.13
N LEU A 316 8.34 -5.86 13.07
CA LEU A 316 9.49 -6.32 13.85
C LEU A 316 10.83 -6.02 13.17
N LEU A 317 10.82 -5.26 12.08
CA LEU A 317 12.07 -4.88 11.39
C LEU A 317 12.65 -3.57 11.91
N TYR A 318 11.93 -2.95 12.84
CA TYR A 318 12.35 -1.67 13.41
C TYR A 318 13.64 -1.84 14.20
N LYS A 319 14.67 -1.08 13.81
CA LYS A 319 16.03 -1.24 14.37
C LYS A 319 16.40 -2.71 14.57
N ASN A 320 16.35 -3.47 13.48
CA ASN A 320 16.75 -4.89 13.43
C ASN A 320 16.35 -5.76 14.62
N TRP A 321 15.29 -5.38 15.34
CA TRP A 321 14.85 -6.10 16.54
C TRP A 321 14.76 -7.62 16.33
N ARG A 322 13.99 -8.02 15.32
CA ARG A 322 13.80 -9.44 15.01
C ARG A 322 15.10 -10.21 14.76
N LYS A 323 15.98 -9.61 13.95
CA LYS A 323 17.24 -10.25 13.58
C LYS A 323 18.11 -10.41 14.81
N ILE A 324 18.27 -9.34 15.58
CA ILE A 324 18.96 -9.41 16.89
C ILE A 324 18.32 -10.49 17.76
N PHE A 325 16.99 -10.49 17.81
CA PHE A 325 16.26 -11.49 18.57
C PHE A 325 16.55 -12.89 18.05
N ASP A 326 16.55 -13.07 16.73
CA ASP A 326 16.74 -14.39 16.13
C ASP A 326 18.21 -14.86 16.11
N GLU A 327 19.05 -14.20 16.91
CA GLU A 327 20.40 -14.72 17.19
C GLU A 327 20.54 -15.03 18.68
N LYS A 328 20.59 -13.99 19.52
CA LYS A 328 20.72 -14.17 20.97
C LYS A 328 19.72 -15.20 21.47
N TYR A 329 18.46 -15.02 21.10
CA TYR A 329 17.40 -15.94 21.42
C TYR A 329 16.88 -16.48 20.09
N GLY A 330 15.63 -16.89 20.03
CA GLY A 330 15.06 -17.34 18.78
C GLY A 330 14.95 -18.84 18.68
N LYS A 331 16.08 -19.54 18.73
CA LYS A 331 16.07 -20.99 18.73
C LYS A 331 15.40 -21.53 20.00
N ASP A 332 15.71 -20.90 21.14
CA ASP A 332 15.15 -21.26 22.45
C ASP A 332 13.68 -20.89 22.58
N LEU A 333 13.25 -19.87 21.83
CA LEU A 333 11.86 -19.46 21.81
C LEU A 333 11.04 -20.40 20.94
N VAL A 334 11.60 -20.76 19.79
CA VAL A 334 11.01 -21.78 18.93
C VAL A 334 10.84 -23.03 19.78
N SER A 335 11.94 -23.52 20.35
CA SER A 335 11.90 -24.67 21.26
C SER A 335 10.81 -24.53 22.30
N LYS A 336 10.82 -23.42 23.03
CA LYS A 336 9.81 -23.13 24.05
C LYS A 336 8.39 -23.14 23.51
N ALA A 337 8.24 -22.71 22.26
CA ALA A 337 6.94 -22.66 21.60
C ALA A 337 6.57 -23.99 20.93
N ARG A 338 7.51 -24.93 20.90
CA ARG A 338 7.22 -26.30 20.44
C ARG A 338 6.59 -27.13 21.54
N GLU A 339 7.03 -26.90 22.78
CA GLU A 339 6.61 -27.71 23.91
C GLU A 339 5.33 -27.20 24.57
N VAL A 340 4.81 -26.09 24.07
CA VAL A 340 3.49 -25.62 24.48
C VAL A 340 2.45 -26.22 23.54
N SER A 341 2.81 -26.28 22.26
CA SER A 341 1.93 -26.70 21.16
C SER A 341 2.73 -26.81 19.86
N GLU A 342 2.09 -27.19 18.76
CA GLU A 342 2.72 -27.00 17.46
C GLU A 342 2.19 -25.74 16.74
N ASP A 343 2.80 -24.61 17.10
CA ASP A 343 2.67 -23.34 16.39
C ASP A 343 3.75 -23.35 15.31
N PHE A 344 3.79 -24.46 14.55
CA PHE A 344 4.69 -24.67 13.41
C PHE A 344 4.00 -25.53 12.37
N ASP A 352 1.32 -16.40 13.48
CA ASP A 352 2.64 -16.86 13.87
C ASP A 352 3.49 -15.77 14.53
N SER A 353 3.72 -14.64 13.84
CA SER A 353 4.63 -13.60 14.32
C SER A 353 4.20 -12.91 15.63
N ASP A 354 2.89 -12.76 15.83
CA ASP A 354 2.29 -12.24 17.08
C ASP A 354 2.96 -12.78 18.33
N LEU A 355 3.51 -13.99 18.20
CA LEU A 355 4.04 -14.73 19.34
C LEU A 355 5.38 -14.21 19.83
N TYR A 356 6.01 -13.34 19.04
CA TYR A 356 7.19 -12.63 19.50
C TYR A 356 6.78 -11.63 20.57
N TYR A 357 5.48 -11.36 20.67
CA TYR A 357 4.95 -10.49 21.70
C TYR A 357 4.52 -11.30 22.90
N SER A 358 5.04 -10.90 24.07
CA SER A 358 4.64 -11.46 25.35
C SER A 358 3.13 -11.39 25.51
N SER A 359 2.55 -10.25 25.15
CA SER A 359 1.14 -9.95 25.34
C SER A 359 0.23 -11.08 24.89
N THR A 360 0.53 -11.64 23.73
CA THR A 360 -0.34 -12.64 23.09
C THR A 360 -0.40 -13.95 23.88
N TRP A 361 0.71 -14.33 24.50
CA TRP A 361 0.78 -15.56 25.29
C TRP A 361 -0.07 -15.48 26.56
N GLU A 362 -0.13 -14.30 27.16
CA GLU A 362 -1.05 -14.06 28.26
C GLU A 362 -2.44 -13.84 27.69
N SER A 363 -2.53 -12.82 26.84
CA SER A 363 -3.79 -12.26 26.35
C SER A 363 -4.76 -13.27 25.77
N GLY A 364 -4.27 -14.17 24.92
CA GLY A 364 -5.13 -15.13 24.25
C GLY A 364 -4.55 -16.53 24.16
N LEU A 365 -4.25 -16.93 22.92
CA LEU A 365 -3.86 -18.31 22.54
C LEU A 365 -5.10 -19.17 22.24
N SER A 366 -6.19 -18.93 22.98
CA SER A 366 -7.44 -19.66 22.80
C SER A 366 -7.79 -19.80 21.32
N LYS A 367 -7.75 -18.68 20.60
CA LYS A 367 -8.06 -18.64 19.18
C LYS A 367 -7.12 -19.56 18.39
N LYS A 368 -5.83 -19.47 18.67
CA LYS A 368 -4.82 -20.31 18.02
C LYS A 368 -4.99 -21.80 18.37
N LEU A 369 -5.74 -22.08 19.43
CA LEU A 369 -6.14 -23.45 19.76
C LEU A 369 -7.28 -23.90 18.83
N LYS A 370 -6.91 -24.49 17.71
CA LYS A 370 -7.88 -25.04 16.78
C LYS A 370 -8.36 -26.42 17.24
N ASN A 371 -7.72 -26.95 18.28
CA ASN A 371 -8.04 -28.28 18.83
C ASN A 371 -8.32 -28.32 20.33
N LYS A 372 -9.01 -29.37 20.76
CA LYS A 372 -9.46 -29.53 22.15
C LYS A 372 -8.35 -30.07 23.06
N LYS A 373 -7.12 -30.11 22.52
CA LYS A 373 -5.94 -30.52 23.28
C LYS A 373 -5.68 -29.65 24.50
N GLU A 374 -4.70 -30.05 25.29
CA GLU A 374 -4.41 -29.41 26.55
C GLU A 374 -3.17 -28.53 26.40
N ILE A 375 -3.18 -27.38 27.06
CA ILE A 375 -2.06 -26.43 27.00
C ILE A 375 -1.40 -26.31 28.36
N ASP A 376 -0.12 -26.69 28.45
CA ASP A 376 0.61 -26.58 29.71
C ASP A 376 0.88 -25.12 30.05
N GLU A 377 0.56 -24.78 31.30
CA GLU A 377 0.46 -23.41 31.75
C GLU A 377 1.80 -22.84 32.21
N GLU A 378 2.64 -23.67 32.86
CA GLU A 378 3.99 -23.26 33.26
C GLU A 378 4.80 -22.88 32.03
N LYS A 379 4.58 -23.62 30.95
CA LYS A 379 5.17 -23.33 29.63
C LYS A 379 4.77 -21.94 29.13
N VAL A 380 3.47 -21.61 29.24
CA VAL A 380 2.99 -20.25 28.95
C VAL A 380 3.65 -19.22 29.89
N LYS A 381 3.40 -19.34 31.20
CA LYS A 381 4.00 -18.43 32.21
C LYS A 381 5.49 -18.16 31.94
N GLU A 382 6.23 -19.23 31.65
CA GLU A 382 7.66 -19.14 31.44
C GLU A 382 8.05 -19.11 29.95
N VAL A 383 7.10 -18.72 29.11
CA VAL A 383 7.45 -18.23 27.78
C VAL A 383 7.45 -16.70 27.87
N VAL A 384 6.56 -16.16 28.72
CA VAL A 384 6.42 -14.74 28.99
C VAL A 384 7.70 -14.21 29.62
N ASP A 385 8.19 -14.97 30.60
CA ASP A 385 9.39 -14.64 31.37
C ASP A 385 10.62 -14.60 30.47
N PHE A 386 10.73 -15.59 29.59
CA PHE A 386 11.81 -15.65 28.62
C PHE A 386 11.83 -14.38 27.77
N LEU A 387 10.68 -14.08 27.16
CA LEU A 387 10.55 -12.90 26.30
C LEU A 387 10.81 -11.62 27.07
N ASN A 388 10.21 -11.49 28.25
CA ASN A 388 10.33 -10.25 29.03
C ASN A 388 11.78 -9.92 29.42
N ALA A 389 12.55 -10.96 29.74
CA ALA A 389 13.97 -10.84 30.04
C ALA A 389 14.77 -10.59 28.77
N ALA A 390 14.32 -11.21 27.67
CA ALA A 390 14.82 -10.89 26.34
C ALA A 390 14.68 -9.40 26.10
N TYR A 391 13.52 -8.84 26.44
CA TYR A 391 13.23 -7.42 26.20
C TYR A 391 14.10 -6.45 26.99
N LYS A 392 14.53 -6.86 28.18
CA LYS A 392 15.34 -6.00 29.06
C LYS A 392 16.80 -5.94 28.61
N GLU A 393 17.24 -6.93 27.83
CA GLU A 393 18.57 -6.96 27.24
C GLU A 393 18.60 -6.51 25.76
N ILE A 394 17.42 -6.42 25.13
CA ILE A 394 17.33 -6.13 23.70
C ILE A 394 16.48 -4.90 23.39
N GLY A 395 15.57 -4.55 24.30
CA GLY A 395 14.56 -3.51 24.06
C GLY A 395 13.21 -4.15 23.80
N ASN A 396 12.13 -3.42 24.10
CA ASN A 396 10.77 -3.89 23.82
C ASN A 396 10.53 -4.11 22.32
N PRO A 397 9.64 -5.05 21.97
CA PRO A 397 9.43 -5.32 20.55
C PRO A 397 8.54 -4.27 19.93
N PRO A 398 8.83 -3.87 18.68
CA PRO A 398 8.08 -2.83 18.01
C PRO A 398 6.68 -3.32 17.75
N LYS A 399 5.70 -2.45 17.96
CA LYS A 399 4.29 -2.82 17.84
C LYS A 399 3.55 -1.90 16.87
N TYR A 400 4.27 -0.92 16.34
CA TYR A 400 3.70 -0.04 15.32
C TYR A 400 4.36 -0.29 13.98
N TYR A 401 3.59 -0.08 12.92
CA TYR A 401 4.06 -0.16 11.56
C TYR A 401 3.46 0.96 10.73
N ALA A 402 3.96 1.14 9.50
CA ALA A 402 3.51 2.25 8.65
C ALA A 402 2.77 1.76 7.44
N ILE A 403 1.68 2.43 7.10
CA ILE A 403 1.13 2.32 5.75
C ILE A 403 1.54 3.55 4.95
N LEU A 404 2.21 3.32 3.82
CA LEU A 404 2.62 4.41 2.94
C LEU A 404 1.82 4.30 1.65
N VAL A 405 0.98 5.30 1.38
CA VAL A 405 0.31 5.38 0.09
C VAL A 405 0.82 6.60 -0.63
N MET A 406 1.11 6.46 -1.90
CA MET A 406 1.59 7.58 -2.68
C MET A 406 0.82 7.74 -3.98
N ASP A 407 0.83 8.96 -4.52
CA ASP A 407 0.03 9.33 -5.68
C ASP A 407 0.63 10.58 -6.27
N GLY A 408 0.81 10.61 -7.58
CA GLY A 408 1.27 11.82 -8.27
C GLY A 408 0.26 12.98 -8.18
N ASP A 409 0.71 14.20 -8.43
CA ASP A 409 -0.15 15.40 -8.46
C ASP A 409 -0.32 15.94 -9.85
N ASP A 410 -1.55 16.31 -10.18
CA ASP A 410 -1.85 17.07 -11.39
C ASP A 410 -1.27 16.36 -12.64
N MET A 411 -1.72 15.11 -12.80
CA MET A 411 -1.11 14.18 -13.71
C MET A 411 -2.12 13.22 -14.30
N GLY A 412 -3.40 13.44 -13.98
CA GLY A 412 -4.46 12.70 -14.62
C GLY A 412 -4.33 12.90 -16.12
N LYS A 413 -4.20 14.17 -16.51
CA LYS A 413 -4.18 14.59 -17.92
C LYS A 413 -2.80 14.43 -18.60
N VAL A 414 -1.82 13.99 -17.81
CA VAL A 414 -0.45 13.75 -18.29
C VAL A 414 -0.26 12.28 -18.70
N ILE A 415 -0.78 11.37 -17.87
CA ILE A 415 -0.73 9.94 -18.13
C ILE A 415 -1.53 9.62 -19.37
N SER A 416 -2.62 10.38 -19.54
CA SER A 416 -3.56 10.20 -20.66
C SER A 416 -3.09 10.92 -21.93
N GLY A 417 -2.39 12.04 -21.76
CA GLY A 417 -1.75 12.74 -22.87
C GLY A 417 -2.43 14.02 -23.34
N GLU A 418 -3.48 14.45 -22.63
CA GLU A 418 -4.16 15.70 -22.96
C GLU A 418 -3.21 16.91 -22.91
N VAL A 419 -2.31 16.91 -21.90
CA VAL A 419 -1.37 18.02 -21.69
C VAL A 419 -0.22 18.00 -22.70
N LEU A 420 -0.45 17.36 -23.85
CA LEU A 420 0.53 17.35 -24.93
C LEU A 420 -0.01 18.09 -26.14
N THR A 445 -1.32 10.93 -30.53
CA THR A 445 -0.22 11.04 -29.58
C THR A 445 1.18 10.98 -30.26
N PRO A 446 2.10 11.90 -29.87
CA PRO A 446 3.49 11.74 -30.31
C PRO A 446 4.24 10.73 -29.43
N GLN A 447 5.51 10.46 -29.76
CA GLN A 447 6.33 9.56 -28.97
C GLN A 447 6.58 10.10 -27.57
N VAL A 448 6.23 11.37 -27.37
CA VAL A 448 6.29 12.00 -26.05
C VAL A 448 5.43 11.24 -25.05
N HIS A 449 4.25 10.79 -25.49
CA HIS A 449 3.33 10.07 -24.61
C HIS A 449 3.87 8.68 -24.26
N VAL A 450 4.68 8.11 -25.14
CA VAL A 450 5.39 6.86 -24.86
C VAL A 450 6.49 7.20 -23.88
N ALA A 451 7.33 8.17 -24.24
CA ALA A 451 8.41 8.65 -23.36
C ALA A 451 7.98 8.77 -21.88
N ILE A 452 6.87 9.46 -21.64
CA ILE A 452 6.32 9.63 -20.31
C ILE A 452 5.95 8.26 -19.73
N SER A 453 5.35 7.40 -20.56
CA SER A 453 4.93 6.07 -20.13
C SER A 453 6.10 5.24 -19.70
N GLN A 454 7.18 5.31 -20.47
CA GLN A 454 8.43 4.63 -20.16
C GLN A 454 9.08 5.18 -18.89
N ALA A 455 9.01 6.50 -18.73
CA ALA A 455 9.49 7.17 -17.53
C ALA A 455 8.75 6.69 -16.29
N LEU A 456 7.44 6.57 -16.39
CA LEU A 456 6.64 6.08 -15.26
C LEU A 456 6.89 4.61 -14.96
N ALA A 457 7.00 3.82 -16.04
CA ALA A 457 7.30 2.39 -15.97
C ALA A 457 8.62 2.12 -15.27
N ASN A 458 9.62 2.91 -15.62
CA ASN A 458 10.97 2.78 -15.11
C ASN A 458 11.05 3.14 -13.64
N PHE A 459 10.44 4.29 -13.30
CA PHE A 459 10.38 4.76 -11.91
C PHE A 459 9.74 3.70 -11.00
N SER A 460 8.48 3.40 -11.26
CA SER A 460 7.73 2.38 -10.56
C SER A 460 8.40 1.01 -10.46
N ILE A 461 8.88 0.46 -11.57
CA ILE A 461 9.44 -0.89 -11.53
C ILE A 461 10.82 -0.94 -10.88
N ARG A 462 11.76 -0.12 -11.36
CA ARG A 462 13.11 -0.17 -10.83
C ARG A 462 13.29 0.74 -9.61
N GLU A 463 13.12 2.05 -9.81
CA GLU A 463 13.48 3.03 -8.79
C GLU A 463 12.71 2.92 -7.47
N VAL A 464 11.43 2.58 -7.50
CA VAL A 464 10.71 2.41 -6.23
C VAL A 464 11.10 1.12 -5.50
N ARG A 465 11.45 0.08 -6.26
CA ARG A 465 11.84 -1.19 -5.65
C ARG A 465 13.22 -1.08 -5.04
N SER A 466 14.11 -0.33 -5.70
CA SER A 466 15.45 -0.17 -5.18
C SER A 466 15.39 0.62 -3.89
N VAL A 467 14.39 1.49 -3.77
CA VAL A 467 14.16 2.23 -2.50
C VAL A 467 13.58 1.32 -1.40
N VAL A 468 12.58 0.49 -1.73
CA VAL A 468 11.95 -0.33 -0.69
C VAL A 468 12.77 -1.55 -0.28
N LYS A 469 13.23 -2.33 -1.25
CA LYS A 469 14.42 -3.17 -1.10
C LYS A 469 14.45 -4.02 0.16
N ASP A 470 13.60 -5.03 0.25
CA ASP A 470 13.58 -5.96 1.42
C ASP A 470 13.57 -5.30 2.81
N GLU A 471 13.46 -3.97 2.86
CA GLU A 471 13.38 -3.22 4.12
C GLU A 471 11.94 -2.99 4.57
N GLY A 472 11.02 -3.65 3.88
CA GLY A 472 9.58 -3.52 4.08
C GLY A 472 8.89 -4.01 2.81
N LEU A 473 7.55 -4.12 2.83
CA LEU A 473 6.81 -4.75 1.72
C LEU A 473 6.24 -3.73 0.74
N LEU A 474 6.76 -3.75 -0.47
CA LEU A 474 6.19 -2.95 -1.56
C LEU A 474 5.02 -3.69 -2.20
N ILE A 475 3.80 -3.36 -1.82
CA ILE A 475 2.67 -4.04 -2.46
C ILE A 475 2.49 -3.62 -3.93
N TYR A 476 2.48 -2.33 -4.22
CA TYR A 476 2.04 -1.89 -5.54
C TYR A 476 2.70 -0.61 -6.04
N ALA A 477 3.11 -0.59 -7.30
CA ALA A 477 3.70 0.61 -7.92
C ALA A 477 3.27 0.75 -9.36
N GLY A 478 2.18 1.49 -9.59
CA GLY A 478 1.57 1.61 -10.91
C GLY A 478 2.09 2.70 -11.85
N GLY A 479 3.16 3.37 -11.46
CA GLY A 479 3.71 4.44 -12.27
C GLY A 479 3.97 5.61 -11.36
N ASP A 480 2.90 6.30 -10.99
CA ASP A 480 3.02 7.42 -10.06
C ASP A 480 2.17 7.17 -8.82
N ASP A 481 2.10 5.93 -8.36
CA ASP A 481 1.31 5.62 -7.16
C ASP A 481 1.80 4.38 -6.44
N VAL A 482 1.86 4.45 -5.12
CA VAL A 482 2.58 3.43 -4.34
C VAL A 482 1.77 3.01 -3.11
N LEU A 483 1.74 1.70 -2.87
CA LEU A 483 1.35 1.18 -1.57
C LEU A 483 2.51 0.37 -1.00
N ALA A 484 2.83 0.60 0.29
CA ALA A 484 3.89 -0.13 0.99
C ALA A 484 3.56 -0.28 2.44
N ILE A 485 3.90 -1.44 3.01
CA ILE A 485 3.88 -1.54 4.45
C ILE A 485 5.33 -1.42 4.87
N LEU A 486 5.60 -0.49 5.78
CA LEU A 486 6.96 -0.16 6.21
C LEU A 486 7.21 -0.30 7.73
N PRO A 487 8.46 -0.59 8.14
CA PRO A 487 8.73 -0.45 9.55
C PRO A 487 8.67 1.01 9.94
N VAL A 488 8.22 1.25 11.15
CA VAL A 488 8.12 2.59 11.75
C VAL A 488 9.34 3.51 11.48
N ASP A 489 10.56 2.95 11.49
CA ASP A 489 11.75 3.76 11.22
C ASP A 489 12.20 3.74 9.76
N LYS A 490 11.35 3.26 8.85
CA LYS A 490 11.63 3.44 7.40
C LYS A 490 10.62 4.32 6.68
N ALA A 491 9.46 4.54 7.31
CA ALA A 491 8.38 5.22 6.63
C ALA A 491 8.80 6.53 5.97
N LEU A 492 9.35 7.43 6.78
CA LEU A 492 9.66 8.79 6.39
C LEU A 492 10.81 8.80 5.41
N GLU A 493 11.78 7.95 5.71
CA GLU A 493 13.01 7.82 4.94
C GLU A 493 12.74 7.30 3.53
N VAL A 494 11.81 6.36 3.42
CA VAL A 494 11.46 5.76 2.13
C VAL A 494 10.67 6.76 1.32
N ALA A 495 9.73 7.43 1.97
CA ALA A 495 8.81 8.36 1.32
C ALA A 495 9.57 9.44 0.57
N TYR A 496 10.51 10.08 1.29
CA TYR A 496 11.36 11.17 0.79
C TYR A 496 12.23 10.66 -0.34
N LYS A 497 12.96 9.59 -0.07
CA LYS A 497 13.77 8.92 -1.08
C LYS A 497 12.96 8.76 -2.39
N ILE A 498 11.80 8.12 -2.33
CA ILE A 498 10.91 7.96 -3.49
C ILE A 498 10.48 9.29 -4.14
N ARG A 499 10.18 10.29 -3.32
CA ARG A 499 9.77 11.60 -3.82
C ARG A 499 10.87 12.22 -4.70
N LYS A 500 12.10 12.18 -4.22
CA LYS A 500 13.24 12.70 -4.96
C LYS A 500 13.38 11.99 -6.32
N GLU A 501 13.18 10.68 -6.32
CA GLU A 501 13.31 9.89 -7.52
C GLU A 501 12.24 10.21 -8.58
N PHE A 502 10.98 10.26 -8.17
CA PHE A 502 9.89 10.72 -9.03
C PHE A 502 10.16 12.15 -9.50
N GLY A 503 11.07 12.85 -8.83
CA GLY A 503 11.43 14.21 -9.21
C GLY A 503 12.09 14.22 -10.57
N LYS A 504 13.18 13.47 -10.72
CA LYS A 504 13.98 13.46 -11.96
C LYS A 504 13.37 12.68 -13.12
N SER A 505 12.61 11.62 -12.81
CA SER A 505 12.03 10.75 -13.86
C SER A 505 10.86 11.40 -14.58
N GLY A 514 6.06 13.55 -15.28
CA GLY A 514 5.41 14.45 -14.33
C GLY A 514 6.39 15.13 -13.36
N TRP A 515 5.85 15.95 -12.46
CA TRP A 515 6.68 16.79 -11.59
C TRP A 515 6.64 16.40 -10.12
N LYS A 516 5.48 16.60 -9.49
CA LYS A 516 5.39 16.56 -8.03
C LYS A 516 4.51 15.41 -7.53
N LEU A 517 4.54 15.12 -6.23
CA LEU A 517 3.86 13.93 -5.71
C LEU A 517 3.58 13.97 -4.20
N SER A 518 2.33 13.72 -3.82
CA SER A 518 1.93 13.78 -2.42
C SER A 518 1.89 12.40 -1.81
N ALA A 519 1.68 12.34 -0.49
CA ALA A 519 1.77 11.09 0.26
C ALA A 519 1.02 11.13 1.57
N GLY A 520 0.38 10.03 1.88
CA GLY A 520 -0.11 9.76 3.21
C GLY A 520 0.70 8.63 3.83
N ILE A 521 1.15 8.85 5.05
CA ILE A 521 1.79 7.83 5.88
C ILE A 521 0.91 7.64 7.10
N LEU A 522 0.48 6.40 7.37
CA LEU A 522 -0.27 6.09 8.61
C LEU A 522 0.47 5.10 9.52
N ILE A 523 1.09 5.62 10.58
CA ILE A 523 1.68 4.78 11.61
C ILE A 523 0.55 4.27 12.50
N VAL A 524 0.58 2.98 12.83
CA VAL A 524 -0.55 2.33 13.51
C VAL A 524 -0.14 1.12 14.38
N HIS A 525 -0.83 0.92 15.49
CA HIS A 525 -0.60 -0.28 16.32
C HIS A 525 -1.00 -1.56 15.56
N TYR A 526 -0.27 -2.65 15.79
CA TYR A 526 -0.40 -3.85 14.96
C TYR A 526 -1.75 -4.55 15.06
N LYS A 527 -2.36 -4.48 16.24
CA LYS A 527 -3.60 -5.21 16.53
C LYS A 527 -4.82 -4.53 15.91
N HIS A 528 -4.57 -3.45 15.18
CA HIS A 528 -5.62 -2.60 14.64
C HIS A 528 -6.19 -3.11 13.31
N PRO A 529 -7.54 -3.08 13.16
CA PRO A 529 -8.21 -3.49 11.93
C PRO A 529 -7.59 -2.83 10.71
N LEU A 530 -7.15 -3.65 9.76
CA LEU A 530 -6.50 -3.14 8.54
C LEU A 530 -7.46 -2.32 7.68
N TYR A 531 -8.64 -2.86 7.38
CA TYR A 531 -9.64 -2.16 6.56
C TYR A 531 -9.77 -0.71 6.97
N ASP A 532 -9.75 -0.49 8.28
CA ASP A 532 -9.81 0.85 8.78
C ASP A 532 -8.49 1.58 8.53
N ALA A 533 -7.38 0.97 8.96
CA ALA A 533 -6.06 1.58 8.79
C ALA A 533 -5.83 1.98 7.33
N LEU A 534 -6.13 1.06 6.43
CA LEU A 534 -6.00 1.31 5.02
C LEU A 534 -6.88 2.51 4.62
N GLU A 535 -8.09 2.58 5.20
CA GLU A 535 -9.04 3.66 4.92
C GLU A 535 -8.45 5.01 5.36
N LYS A 536 -7.94 5.08 6.59
CA LYS A 536 -7.41 6.32 7.14
C LYS A 536 -6.21 6.82 6.33
N ALA A 537 -5.23 5.94 6.10
CA ALA A 537 -4.08 6.26 5.26
C ALA A 537 -4.50 6.89 3.93
N ARG A 538 -5.50 6.30 3.26
CA ARG A 538 -6.01 6.84 2.01
C ARG A 538 -6.52 8.26 2.23
N ASP A 539 -7.26 8.46 3.32
CA ASP A 539 -7.91 9.73 3.61
C ASP A 539 -6.88 10.85 3.81
N LEU A 540 -5.78 10.51 4.49
CA LEU A 540 -4.66 11.42 4.73
C LEU A 540 -4.16 11.96 3.42
N LEU A 541 -4.02 11.07 2.47
CA LEU A 541 -3.44 11.38 1.19
C LEU A 541 -4.39 12.22 0.35
N ASN A 542 -5.63 11.75 0.25
CA ASN A 542 -6.65 12.41 -0.59
C ASN A 542 -7.36 13.60 0.05
N ASN A 543 -7.87 13.42 1.24
CA ASN A 543 -8.65 14.47 1.87
C ASN A 543 -7.80 15.50 2.64
N LYS A 544 -6.64 15.07 3.14
CA LYS A 544 -5.73 16.01 3.81
C LYS A 544 -4.64 16.51 2.88
N ALA A 545 -3.71 15.64 2.50
CA ALA A 545 -2.56 16.00 1.67
C ALA A 545 -2.92 16.66 0.34
N LYS A 546 -3.77 16.02 -0.45
CA LYS A 546 -4.01 16.50 -1.81
C LYS A 546 -4.93 17.74 -1.88
N ASN A 547 -5.35 18.22 -0.71
CA ASN A 547 -6.22 19.40 -0.65
C ASN A 547 -5.57 20.71 -0.19
N VAL A 548 -4.25 20.70 -0.13
CA VAL A 548 -3.44 21.90 0.11
C VAL A 548 -3.22 22.62 -1.23
N PRO A 549 -3.25 23.98 -1.24
CA PRO A 549 -3.00 24.76 -2.46
C PRO A 549 -1.90 24.19 -3.37
N GLY A 550 -0.63 24.32 -2.97
CA GLY A 550 0.44 23.68 -3.75
C GLY A 550 0.48 22.23 -3.32
N LYS A 551 -0.34 21.40 -3.94
CA LYS A 551 -0.49 20.05 -3.41
C LYS A 551 0.79 19.27 -3.67
N ASP A 552 1.74 19.38 -2.76
CA ASP A 552 2.96 18.61 -2.88
C ASP A 552 3.44 18.31 -1.47
N THR A 553 2.74 17.40 -0.81
CA THR A 553 2.79 17.32 0.67
C THR A 553 2.71 15.92 1.30
N LEU A 554 3.42 15.78 2.42
CA LEU A 554 3.31 14.59 3.24
C LEU A 554 2.26 14.80 4.33
N ALA A 555 1.29 13.89 4.37
CA ALA A 555 0.29 13.86 5.42
C ALA A 555 0.61 12.69 6.33
N ILE A 556 1.36 12.95 7.41
CA ILE A 556 1.74 11.88 8.33
C ILE A 556 0.79 11.83 9.52
N GLY A 557 0.28 10.62 9.78
CA GLY A 557 -0.64 10.41 10.89
C GLY A 557 -0.18 9.31 11.82
N LEU A 558 -0.51 9.46 13.10
CA LEU A 558 -0.21 8.47 14.14
C LEU A 558 -1.47 8.18 14.93
N LEU A 559 -1.85 6.91 14.97
CA LEU A 559 -3.02 6.45 15.70
C LEU A 559 -2.61 5.39 16.72
N LYS A 560 -2.44 5.85 17.96
CA LYS A 560 -2.03 5.03 19.10
C LYS A 560 -3.18 4.11 19.48
N ARG A 561 -2.84 2.99 20.10
CA ARG A 561 -3.88 2.04 20.50
C ARG A 561 -4.85 2.74 21.49
N SER A 562 -4.39 3.82 22.13
CA SER A 562 -5.22 4.70 22.97
C SER A 562 -6.50 5.10 22.27
N GLY A 563 -6.37 5.40 20.97
CA GLY A 563 -7.49 5.95 20.22
C GLY A 563 -7.16 7.36 19.78
N SER A 564 -6.00 7.84 20.26
CA SER A 564 -5.45 9.14 19.91
C SER A 564 -4.97 9.16 18.45
N TYR A 565 -5.12 10.31 17.81
CA TYR A 565 -4.84 10.39 16.40
C TYR A 565 -4.22 11.72 16.02
N TYR A 566 -2.90 11.77 16.10
CA TYR A 566 -2.13 12.94 15.71
C TYR A 566 -1.89 12.93 14.21
N ILE A 567 -2.20 14.04 13.55
CA ILE A 567 -1.92 14.18 12.12
C ILE A 567 -1.12 15.46 11.92
N SER A 568 -0.38 15.55 10.81
CA SER A 568 0.55 16.65 10.58
C SER A 568 0.84 16.77 9.09
N LEU A 569 0.63 17.95 8.50
CA LEU A 569 0.76 18.12 7.03
C LEU A 569 1.97 18.94 6.61
N VAL A 570 2.86 18.31 5.87
CA VAL A 570 4.23 18.77 5.81
C VAL A 570 4.76 18.83 4.38
N GLY A 571 5.52 19.87 4.06
CA GLY A 571 6.24 19.94 2.79
C GLY A 571 7.39 18.94 2.76
N TRP A 572 7.76 18.47 1.56
CA TRP A 572 8.84 17.48 1.48
C TRP A 572 10.19 18.07 1.90
N GLU A 573 10.28 19.40 1.84
CA GLU A 573 11.50 20.08 2.16
C GLU A 573 11.79 20.00 3.67
N LEU A 574 10.73 19.79 4.45
CA LEU A 574 10.85 19.76 5.91
C LEU A 574 11.72 18.62 6.40
N ILE A 575 11.45 17.42 5.91
CA ILE A 575 12.27 16.27 6.26
C ILE A 575 13.75 16.51 5.90
N ARG A 576 14.00 17.22 4.79
CA ARG A 576 15.35 17.63 4.39
C ARG A 576 16.04 18.47 5.47
N VAL A 577 15.41 19.62 5.78
CA VAL A 577 15.90 20.54 6.79
C VAL A 577 16.06 19.85 8.14
N PHE A 578 15.11 18.98 8.49
CA PHE A 578 15.09 18.38 9.81
C PHE A 578 16.22 17.38 10.08
N TYR A 579 16.58 16.59 9.07
CA TYR A 579 17.72 15.68 9.18
C TYR A 579 18.96 16.48 9.61
N ASN A 580 19.29 17.48 8.80
CA ASN A 580 20.49 18.27 8.98
C ASN A 580 20.35 19.31 10.09
N SER A 581 19.22 19.27 10.82
CA SER A 581 18.93 20.23 11.87
C SER A 581 19.72 19.98 13.14
N GLU A 582 20.20 21.06 13.76
CA GLU A 582 20.76 21.02 15.10
C GLU A 582 19.73 20.44 16.07
N LEU A 583 18.49 20.88 15.90
CA LEU A 583 17.33 20.43 16.68
C LEU A 583 17.17 18.92 16.80
N ARG A 584 17.37 18.20 15.69
CA ARG A 584 17.30 16.73 15.68
C ARG A 584 18.38 16.09 16.54
N LYS A 585 19.53 16.77 16.62
CA LYS A 585 20.72 16.24 17.33
C LYS A 585 20.50 15.99 18.83
N LYS A 586 19.64 16.77 19.47
CA LYS A 586 19.34 16.57 20.90
C LYS A 586 18.16 15.63 21.20
N LEU A 587 17.17 15.64 20.32
CA LEU A 587 15.95 14.85 20.53
C LEU A 587 16.12 13.39 20.04
N GLY A 593 14.19 13.14 26.30
CA GLY A 593 14.24 13.75 27.64
C GLY A 593 14.07 15.25 27.59
N VAL A 594 15.12 15.93 27.14
CA VAL A 594 15.08 17.37 26.87
C VAL A 594 13.99 17.62 25.84
N GLY A 595 13.97 16.78 24.80
CA GLY A 595 12.93 16.78 23.78
C GLY A 595 11.57 16.50 24.38
N LYS A 596 11.46 15.41 25.14
CA LYS A 596 10.18 15.08 25.80
C LYS A 596 9.67 16.27 26.62
N ARG A 597 10.58 16.93 27.34
CA ARG A 597 10.24 18.13 28.09
C ARG A 597 9.85 19.31 27.18
N PHE A 598 10.53 19.44 26.05
CA PHE A 598 10.32 20.57 25.14
C PHE A 598 8.99 20.47 24.37
N ILE A 599 8.84 19.38 23.63
CA ILE A 599 7.75 19.21 22.67
C ILE A 599 6.39 19.24 23.36
N TYR A 600 6.27 18.51 24.46
CA TYR A 600 5.02 18.47 25.22
C TYR A 600 4.61 19.87 25.69
N HIS A 601 5.58 20.62 26.23
CA HIS A 601 5.36 22.00 26.66
C HIS A 601 4.84 22.89 25.53
N VAL A 602 5.53 22.88 24.40
CA VAL A 602 5.11 23.66 23.23
C VAL A 602 3.69 23.28 22.81
N LEU A 603 3.47 21.99 22.50
CA LEU A 603 2.14 21.49 22.16
C LEU A 603 1.02 21.92 23.12
N ARG A 604 1.35 22.00 24.42
CA ARG A 604 0.41 22.48 25.43
C ARG A 604 0.01 23.94 25.20
N GLU A 605 1.00 24.78 24.91
CA GLU A 605 0.76 26.21 24.64
C GLU A 605 -0.10 26.44 23.40
N VAL A 606 0.08 25.59 22.39
CA VAL A 606 -0.56 25.77 21.10
C VAL A 606 -1.79 24.83 20.97
N ASP A 607 -2.22 24.28 22.10
CA ASP A 607 -3.45 23.49 22.15
C ASP A 607 -4.64 24.37 21.81
N THR A 608 -4.63 25.58 22.34
CA THR A 608 -5.48 26.62 21.83
C THR A 608 -4.51 27.61 21.16
N TRP A 609 -3.99 28.58 21.91
CA TRP A 609 -2.86 29.40 21.47
C TRP A 609 -2.27 30.22 22.62
N PRO A 610 -0.97 30.58 22.51
CA PRO A 610 -0.37 31.41 23.55
C PRO A 610 -0.87 32.85 23.42
N LYS A 611 -1.57 33.35 24.43
CA LYS A 611 -2.09 34.72 24.34
C LYS A 611 -0.95 35.73 24.32
N VAL A 612 0.17 35.29 24.86
CA VAL A 612 1.43 36.04 24.79
C VAL A 612 1.87 36.31 23.33
N GLY A 613 1.47 35.45 22.40
CA GLY A 613 1.91 35.54 21.01
C GLY A 613 2.71 34.32 20.60
N ILE A 614 2.77 34.04 19.29
CA ILE A 614 3.51 32.88 18.77
C ILE A 614 5.02 33.05 18.80
N ASP A 615 5.50 34.20 18.33
CA ASP A 615 6.94 34.43 18.30
C ASP A 615 7.53 34.40 19.71
N GLU A 616 7.00 35.23 20.60
CA GLU A 616 7.51 35.32 21.98
C GLU A 616 7.36 34.01 22.74
N MET A 617 6.37 33.21 22.38
CA MET A 617 6.17 31.88 22.96
C MET A 617 7.35 30.95 22.65
N LEU A 618 7.82 30.98 21.40
CA LEU A 618 8.89 30.09 21.00
C LEU A 618 10.20 30.51 21.62
N LYS A 619 10.44 31.82 21.68
CA LYS A 619 11.63 32.37 22.35
C LYS A 619 11.72 31.85 23.78
N PHE A 620 10.70 32.17 24.57
CA PHE A 620 10.58 31.74 25.97
C PHE A 620 10.70 30.23 26.14
N GLU A 621 10.34 29.47 25.11
CA GLU A 621 10.36 28.02 25.19
C GLU A 621 11.67 27.42 24.71
N VAL A 622 12.28 28.04 23.71
CA VAL A 622 13.63 27.67 23.28
C VAL A 622 14.60 28.05 24.40
N ILE A 623 14.42 29.26 24.92
CA ILE A 623 15.17 29.79 26.07
C ILE A 623 15.14 28.86 27.29
N ARG A 624 14.04 28.13 27.44
CA ARG A 624 13.77 27.37 28.64
C ARG A 624 14.24 25.92 28.55
N HIS A 625 14.64 25.47 27.36
CA HIS A 625 14.94 24.05 27.16
C HIS A 625 16.32 23.77 26.51
N LYS A 631 28.05 27.20 28.56
CA LYS A 631 27.55 28.53 28.93
C LYS A 631 27.73 29.56 27.81
N GLU A 632 28.86 29.47 27.11
CA GLU A 632 29.13 30.31 25.95
C GLU A 632 28.34 29.83 24.73
N GLU A 633 28.16 28.51 24.65
CA GLU A 633 27.52 27.88 23.51
C GLU A 633 26.00 27.77 23.70
N THR A 634 25.52 27.78 24.94
CA THR A 634 24.06 27.76 25.19
C THR A 634 23.43 29.14 25.05
N LYS A 635 24.01 29.98 24.19
CA LYS A 635 23.40 31.21 23.74
C LYS A 635 23.25 31.11 22.23
N GLU A 636 24.34 30.75 21.56
CA GLU A 636 24.33 30.50 20.13
C GLU A 636 23.42 29.31 19.77
N LEU A 637 23.38 28.30 20.63
CA LEU A 637 22.50 27.13 20.45
C LEU A 637 21.02 27.47 20.54
N ARG A 638 20.64 28.23 21.56
CA ARG A 638 19.26 28.73 21.66
C ARG A 638 18.91 29.54 20.41
N GLU A 639 19.85 30.37 19.97
CA GLU A 639 19.65 31.25 18.82
C GLU A 639 19.59 30.48 17.49
N LYS A 640 20.25 29.32 17.43
CA LYS A 640 20.23 28.46 16.25
C LYS A 640 18.91 27.70 16.13
N ILE A 641 18.45 27.13 17.25
CA ILE A 641 17.18 26.38 17.29
C ILE A 641 16.00 27.24 16.86
N TYR A 642 15.86 28.43 17.45
CA TYR A 642 14.79 29.36 17.06
C TYR A 642 14.76 29.56 15.56
N GLY A 643 15.94 29.81 14.98
CA GLY A 643 16.10 29.95 13.54
C GLY A 643 15.58 28.76 12.76
N GLU A 644 16.02 27.58 13.14
CA GLU A 644 15.58 26.34 12.50
C GLU A 644 14.07 26.16 12.66
N ILE A 645 13.61 26.27 13.91
CA ILE A 645 12.20 26.14 14.24
C ILE A 645 11.34 27.09 13.40
N LYS A 646 11.80 28.33 13.23
CA LYS A 646 11.18 29.26 12.29
C LYS A 646 11.27 28.76 10.86
N ASP A 647 12.48 28.41 10.41
CA ASP A 647 12.70 27.89 9.06
C ASP A 647 11.75 26.74 8.76
N LEU A 648 11.64 25.82 9.71
CA LEU A 648 10.78 24.63 9.57
C LEU A 648 9.31 24.97 9.29
N LEU A 649 8.79 26.02 9.93
CA LEU A 649 7.37 26.37 9.82
C LEU A 649 6.95 26.74 8.41
N GLU A 650 7.89 27.28 7.64
CA GLU A 650 7.64 27.62 6.25
C GLU A 650 7.32 26.37 5.43
N HIS A 651 7.71 25.22 5.96
CA HIS A 651 7.51 23.94 5.29
C HIS A 651 6.33 23.13 5.83
N VAL A 652 5.80 23.52 6.98
CA VAL A 652 4.56 22.95 7.46
C VAL A 652 3.47 23.61 6.63
N ARG A 653 2.52 22.81 6.13
CA ARG A 653 1.36 23.33 5.40
C ARG A 653 0.35 23.78 6.45
N GLY A 654 -0.08 25.03 6.35
CA GLY A 654 -0.92 25.66 7.38
C GLY A 654 -1.20 27.10 7.00
N ASN A 655 -2.25 27.67 7.57
CA ASN A 655 -2.74 28.97 7.11
C ASN A 655 -2.46 30.12 8.09
N ASN A 656 -1.71 29.81 9.13
CA ASN A 656 -1.32 30.78 10.15
C ASN A 656 -0.29 30.14 11.07
N GLU A 657 0.48 30.94 11.80
CA GLU A 657 1.58 30.38 12.58
C GLU A 657 1.12 29.37 13.63
N VAL A 658 -0.08 29.53 14.18
CA VAL A 658 -0.59 28.58 15.17
C VAL A 658 -0.76 27.19 14.53
N GLU A 659 -1.37 27.15 13.36
CA GLU A 659 -1.47 25.90 12.64
C GLU A 659 -0.08 25.35 12.32
N LYS A 660 0.85 26.24 11.95
CA LYS A 660 2.17 25.78 11.52
C LYS A 660 2.99 25.19 12.66
N VAL A 661 2.99 25.92 13.78
CA VAL A 661 3.57 25.46 15.04
C VAL A 661 2.92 24.13 15.47
N ARG A 662 1.58 24.11 15.48
CA ARG A 662 0.88 22.87 15.78
C ARG A 662 1.48 21.78 14.91
N GLY A 663 1.50 22.03 13.61
CA GLY A 663 1.94 21.06 12.61
C GLY A 663 3.34 20.50 12.80
N LEU A 664 4.33 21.39 12.96
CA LEU A 664 5.68 20.95 13.23
C LEU A 664 5.74 20.11 14.52
N PHE A 665 5.22 20.66 15.61
CA PHE A 665 5.40 19.98 16.88
C PHE A 665 4.58 18.72 17.00
N THR A 666 3.69 18.51 16.03
CA THR A 666 2.97 17.24 15.92
C THR A 666 3.83 16.23 15.15
N PHE A 667 4.49 16.69 14.10
CA PHE A 667 5.53 15.90 13.43
C PHE A 667 6.60 15.53 14.44
N LEU A 668 7.02 16.51 15.24
CA LEU A 668 7.96 16.26 16.33
C LEU A 668 7.41 15.23 17.28
N LYS A 669 6.20 15.48 17.80
CA LYS A 669 5.52 14.55 18.69
C LYS A 669 5.56 13.09 18.22
N ILE A 670 5.23 12.87 16.95
CA ILE A 670 5.09 11.53 16.36
C ILE A 670 6.43 10.80 16.23
N ILE A 671 7.34 11.41 15.47
CA ILE A 671 8.70 10.93 15.28
C ILE A 671 9.37 10.46 16.58
N THR A 672 9.13 11.18 17.68
CA THR A 672 9.78 10.89 18.96
C THR A 672 9.01 9.95 19.91
N ASP A 673 7.70 9.77 19.70
CA ASP A 673 6.87 8.95 20.61
C ASP A 673 7.58 7.67 21.02
N ALA A 674 7.75 7.45 22.32
CA ALA A 674 8.53 6.32 22.83
C ALA A 674 7.79 4.98 22.85
N GLU A 675 6.50 5.00 22.56
CA GLU A 675 5.72 3.78 22.46
C GLU A 675 5.80 3.24 21.04
N VAL A 676 5.86 4.16 20.08
CA VAL A 676 5.94 3.81 18.67
C VAL A 676 7.40 3.56 18.29
N PHE A 677 8.29 4.39 18.82
CA PHE A 677 9.71 4.31 18.56
C PHE A 677 10.50 3.93 19.83
N PRO A 678 10.45 2.65 20.28
CA PRO A 678 11.18 2.31 21.51
C PRO A 678 12.67 1.99 21.30
ZN ZN B . -16.33 -10.51 0.13
#